data_3ILZ
#
_entry.id   3ILZ
#
_cell.length_a   59.914
_cell.length_b   80.351
_cell.length_c   102.886
_cell.angle_alpha   90.000
_cell.angle_beta   90.000
_cell.angle_gamma   90.000
#
_symmetry.space_group_name_H-M   'P 21 21 21'
#
loop_
_entity.id
_entity.type
_entity.pdbx_description
1 polymer 'Thyroid hormone receptor, alpha isoform 1 variant'
2 non-polymer '{4-[4-hydroxy-3-(1-methylethyl)benzyl]-3,5-dimethylphenoxy}acetic acid'
3 water water
#
_entity_poly.entity_id   1
_entity_poly.type   'polypeptide(L)'
_entity_poly.pdbx_seq_one_letter_code
;GSHMEEMIRSLQQRPEPTPEEWDLIHIATEAHRSTNAQGSHWKQRRKFLPDDIGQSPIVSMPDGDKVDLEAFSEFTKIIT
PAITRVVDFAKKLPMFSELP(CAS)EDQIILLKGCCMEIMSLRAAVRYDPESDTLTLSGEMAVKREQLKNGGLGVVSDAI
FELGKSLSAFNLDDTEVALLQAVLLMSTDRSGLL(CAS)VDKIEKSQEAYLLAFEHYVNHRKHNIPHFWPKLLMKVTDLR
MIGA(CAS)HASRFLHMKVE(CAS)PTELFPPLFLEVFEDQEV
;
_entity_poly.pdbx_strand_id   A
#
# COMPACT_ATOMS: atom_id res chain seq x y z
N GLY A 1 36.82 11.15 -5.25
CA GLY A 1 36.83 12.10 -4.15
C GLY A 1 38.11 12.03 -3.32
N SER A 2 38.01 12.39 -2.04
CA SER A 2 39.15 12.25 -1.12
C SER A 2 39.55 10.78 -1.01
N HIS A 3 40.69 10.51 -0.37
CA HIS A 3 41.18 9.14 -0.27
C HIS A 3 40.23 8.26 0.54
N MET A 4 39.75 8.79 1.67
CA MET A 4 38.82 8.05 2.50
C MET A 4 37.52 7.78 1.76
N GLU A 5 37.05 8.81 1.07
CA GLU A 5 35.81 8.70 0.31
C GLU A 5 35.91 7.58 -0.72
N GLU A 6 37.02 7.53 -1.45
CA GLU A 6 37.24 6.49 -2.45
C GLU A 6 37.29 5.09 -1.83
N MET A 7 37.97 4.94 -0.71
CA MET A 7 38.07 3.64 -0.04
C MET A 7 36.71 3.11 0.33
N ILE A 8 35.89 4.00 0.87
CA ILE A 8 34.58 3.66 1.38
C ILE A 8 33.64 3.28 0.24
N ARG A 9 33.86 3.89 -0.91
CA ARG A 9 33.00 3.67 -2.06
C ARG A 9 33.53 2.58 -2.98
N SER A 10 34.59 1.90 -2.55
CA SER A 10 35.27 0.92 -3.39
C SER A 10 34.33 -0.09 -4.06
N LEU A 11 33.34 -0.58 -3.33
CA LEU A 11 32.43 -1.59 -3.84
C LEU A 11 31.06 -1.05 -4.24
N GLN A 12 30.92 0.28 -4.29
CA GLN A 12 29.74 0.89 -4.88
C GLN A 12 30.07 1.32 -6.29
N GLN A 13 29.17 1.03 -7.19
CA GLN A 13 29.31 1.58 -8.52
C GLN A 13 28.35 2.75 -8.49
N ARG A 14 27.10 2.42 -8.20
CA ARG A 14 25.97 3.26 -8.53
C ARG A 14 25.73 4.36 -7.52
N PRO A 15 25.03 5.43 -7.94
CA PRO A 15 24.80 6.60 -7.09
C PRO A 15 24.11 6.26 -5.76
N GLU A 16 24.70 6.73 -4.66
CA GLU A 16 24.13 6.59 -3.32
C GLU A 16 23.23 7.77 -3.04
N PRO A 17 22.35 7.66 -2.03
CA PRO A 17 21.58 8.84 -1.63
C PRO A 17 22.48 9.98 -1.19
N THR A 18 22.11 11.21 -1.52
CA THR A 18 22.78 12.40 -1.00
C THR A 18 22.36 12.58 0.44
N PRO A 19 23.06 13.45 1.19
CA PRO A 19 22.61 13.67 2.57
C PRO A 19 21.16 14.20 2.63
N GLU A 20 20.77 15.04 1.68
CA GLU A 20 19.40 15.53 1.62
C GLU A 20 18.41 14.37 1.41
N GLU A 21 18.76 13.48 0.49
CA GLU A 21 17.98 12.27 0.24
C GLU A 21 17.94 11.34 1.45
N TRP A 22 19.05 11.21 2.16
CA TRP A 22 19.05 10.42 3.40
C TRP A 22 18.07 10.98 4.44
N ASP A 23 17.95 12.30 4.53
CA ASP A 23 17.01 12.94 5.44
C ASP A 23 15.58 12.57 5.00
N LEU A 24 15.30 12.73 3.72
CA LEU A 24 14.00 12.37 3.16
C LEU A 24 13.68 10.89 3.45
N ILE A 25 14.67 10.02 3.26
CA ILE A 25 14.52 8.58 3.51
C ILE A 25 14.24 8.32 4.99
N HIS A 26 15.01 8.95 5.86
CA HIS A 26 14.83 8.76 7.29
C HIS A 26 13.42 9.15 7.75
N ILE A 27 12.97 10.34 7.33
CA ILE A 27 11.65 10.82 7.70
C ILE A 27 10.53 9.89 7.21
N ALA A 28 10.62 9.47 5.95
CA ALA A 28 9.58 8.61 5.40
C ALA A 28 9.59 7.24 6.09
N THR A 29 10.78 6.70 6.35
CA THR A 29 10.88 5.41 7.00
C THR A 29 10.21 5.45 8.38
N GLU A 30 10.50 6.50 9.15
CA GLU A 30 9.95 6.61 10.49
C GLU A 30 8.44 6.88 10.45
N ALA A 31 8.00 7.65 9.45
CA ALA A 31 6.58 7.89 9.25
C ALA A 31 5.82 6.57 9.05
N HIS A 32 6.40 5.67 8.26
CA HIS A 32 5.82 4.36 8.00
C HIS A 32 5.85 3.47 9.24
N ARG A 33 7.02 3.38 9.88
CA ARG A 33 7.16 2.51 11.03
C ARG A 33 6.18 2.90 12.14
N SER A 34 6.03 4.20 12.36
CA SER A 34 5.14 4.67 13.42
C SER A 34 3.65 4.54 13.08
N THR A 35 3.32 4.19 11.85
CA THR A 35 1.91 4.10 11.47
C THR A 35 1.52 2.75 10.89
N ASN A 36 2.38 1.75 10.97
CA ASN A 36 2.05 0.50 10.30
C ASN A 36 1.55 -0.64 11.20
N ALA A 37 1.25 -0.32 12.45
CA ALA A 37 0.66 -1.31 13.38
C ALA A 37 1.40 -2.64 13.33
N GLN A 38 2.72 -2.58 13.39
CA GLN A 38 3.56 -3.76 13.25
C GLN A 38 4.72 -3.57 14.22
N GLY A 39 4.80 -4.42 15.23
CA GLY A 39 5.81 -4.27 16.27
C GLY A 39 7.14 -4.94 15.94
N SER A 40 7.34 -6.12 16.52
CA SER A 40 8.55 -6.91 16.33
C SER A 40 8.12 -8.32 15.99
N HIS A 41 7.07 -8.77 16.65
CA HIS A 41 6.37 -9.98 16.25
C HIS A 41 5.05 -9.53 15.63
N TRP A 42 4.89 -9.75 14.32
CA TRP A 42 3.59 -9.49 13.69
C TRP A 42 2.96 -10.80 13.24
N LYS A 43 3.81 -11.82 13.10
CA LYS A 43 3.37 -13.14 12.66
C LYS A 43 2.77 -13.96 13.78
N GLN A 44 3.59 -14.30 14.78
CA GLN A 44 3.13 -15.12 15.90
C GLN A 44 1.93 -14.46 16.57
N ARG A 45 1.85 -13.14 16.40
CA ARG A 45 0.86 -12.34 17.12
C ARG A 45 -0.57 -12.78 16.84
N ARG A 46 -1.18 -12.15 15.84
CA ARG A 46 -2.64 -12.13 15.75
C ARG A 46 -3.33 -13.32 15.07
N LYS A 47 -4.53 -13.06 14.55
CA LYS A 47 -5.53 -14.11 14.41
C LYS A 47 -6.06 -14.40 13.01
N PHE A 48 -6.24 -15.68 12.72
CA PHE A 48 -6.89 -16.08 11.48
C PHE A 48 -8.39 -15.80 11.53
N LEU A 49 -8.94 -15.31 10.42
CA LEU A 49 -10.37 -15.23 10.27
C LEU A 49 -10.90 -16.66 10.29
N PRO A 50 -11.88 -16.95 11.16
CA PRO A 50 -12.40 -18.31 11.28
C PRO A 50 -12.71 -18.98 9.94
N ASP A 51 -12.35 -20.25 9.81
CA ASP A 51 -12.51 -21.03 8.58
C ASP A 51 -13.93 -21.04 8.01
N ASP A 52 -14.91 -20.88 8.89
CA ASP A 52 -16.30 -20.97 8.46
C ASP A 52 -16.87 -19.63 8.00
N ILE A 53 -16.05 -18.58 8.04
CA ILE A 53 -16.47 -17.29 7.51
C ILE A 53 -15.84 -17.07 6.13
N GLY A 54 -16.65 -16.62 5.17
CA GLY A 54 -16.14 -16.30 3.86
C GLY A 54 -16.32 -17.38 2.82
N GLN A 55 -17.17 -18.37 3.11
CA GLN A 55 -17.42 -19.45 2.16
C GLN A 55 -18.80 -19.35 1.53
N SER A 56 -19.51 -18.26 1.80
CA SER A 56 -20.92 -18.17 1.41
C SER A 56 -21.28 -16.87 0.66
N PRO A 57 -20.80 -16.74 -0.60
CA PRO A 57 -21.12 -15.54 -1.37
C PRO A 57 -22.54 -15.63 -1.91
N ILE A 58 -23.43 -14.74 -1.51
CA ILE A 58 -24.80 -14.83 -1.98
C ILE A 58 -25.38 -13.51 -2.46
N VAL A 59 -24.62 -12.43 -2.31
CA VAL A 59 -25.09 -11.13 -2.81
C VAL A 59 -24.52 -10.88 -4.19
N SER A 60 -25.38 -10.54 -5.15
CA SER A 60 -24.92 -10.46 -6.55
C SER A 60 -24.04 -9.24 -6.82
N MET A 61 -23.10 -9.41 -7.75
CA MET A 61 -22.28 -8.31 -8.25
C MET A 61 -22.24 -8.42 -9.76
N PRO A 62 -22.13 -7.28 -10.47
CA PRO A 62 -22.17 -7.31 -11.92
C PRO A 62 -21.20 -8.30 -12.56
N ASP A 63 -20.01 -8.49 -11.99
CA ASP A 63 -19.03 -9.39 -12.63
C ASP A 63 -19.23 -10.87 -12.26
N GLY A 64 -20.30 -11.16 -11.52
CA GLY A 64 -20.59 -12.54 -11.18
C GLY A 64 -19.87 -13.11 -9.97
N ASP A 65 -18.96 -12.33 -9.38
CA ASP A 65 -18.34 -12.77 -8.14
C ASP A 65 -19.13 -12.23 -6.96
N LYS A 66 -19.92 -13.11 -6.34
CA LYS A 66 -20.86 -12.71 -5.31
C LYS A 66 -20.18 -12.38 -3.99
N VAL A 67 -20.94 -11.76 -3.09
CA VAL A 67 -20.40 -11.32 -1.82
C VAL A 67 -21.02 -12.07 -0.65
N ASP A 68 -20.15 -12.41 0.31
CA ASP A 68 -20.54 -13.01 1.56
C ASP A 68 -20.67 -11.88 2.58
N LEU A 69 -21.91 -11.55 2.96
CA LEU A 69 -22.15 -10.41 3.84
C LEU A 69 -21.46 -10.50 5.19
N GLU A 70 -21.37 -11.72 5.73
CA GLU A 70 -20.74 -11.89 7.03
C GLU A 70 -19.25 -11.53 6.91
N ALA A 71 -18.60 -12.03 5.88
CA ALA A 71 -17.18 -11.77 5.70
C ALA A 71 -16.97 -10.27 5.42
N PHE A 72 -17.79 -9.72 4.54
CA PHE A 72 -17.78 -8.27 4.28
C PHE A 72 -17.81 -7.47 5.57
N SER A 73 -18.73 -7.80 6.47
CA SER A 73 -18.86 -7.09 7.72
C SER A 73 -17.64 -7.24 8.62
N GLU A 74 -17.03 -8.42 8.63
CA GLU A 74 -15.80 -8.62 9.38
C GLU A 74 -14.70 -7.69 8.85
N PHE A 75 -14.65 -7.52 7.53
CA PHE A 75 -13.65 -6.65 6.91
C PHE A 75 -13.93 -5.17 7.19
N THR A 76 -15.18 -4.73 7.06
CA THR A 76 -15.45 -3.32 7.28
C THR A 76 -15.17 -2.95 8.73
N LYS A 77 -15.33 -3.92 9.63
CA LYS A 77 -15.09 -3.68 11.06
C LYS A 77 -13.66 -3.26 11.36
N ILE A 78 -12.71 -3.72 10.55
CA ILE A 78 -11.31 -3.42 10.80
C ILE A 78 -10.74 -2.41 9.81
N ILE A 79 -11.54 -1.99 8.83
CA ILE A 79 -11.01 -1.14 7.77
C ILE A 79 -10.78 0.33 8.18
N THR A 80 -11.55 0.82 9.14
CA THR A 80 -11.42 2.22 9.54
C THR A 80 -10.04 2.55 10.13
N PRO A 81 -9.52 1.71 11.04
CA PRO A 81 -8.16 1.96 11.54
C PRO A 81 -7.10 1.82 10.44
N ALA A 82 -7.30 0.92 9.47
CA ALA A 82 -6.34 0.79 8.38
C ALA A 82 -6.27 2.09 7.57
N ILE A 83 -7.43 2.62 7.19
CA ILE A 83 -7.51 3.88 6.45
C ILE A 83 -6.90 5.02 7.27
N THR A 84 -7.22 5.06 8.55
CA THR A 84 -6.73 6.12 9.41
C THR A 84 -5.21 6.15 9.44
N ARG A 85 -4.59 4.98 9.51
CA ARG A 85 -3.15 4.89 9.55
C ARG A 85 -2.48 5.36 8.24
N VAL A 86 -3.14 5.18 7.11
CA VAL A 86 -2.64 5.73 5.85
C VAL A 86 -2.62 7.25 5.94
N VAL A 87 -3.71 7.83 6.42
CA VAL A 87 -3.76 9.27 6.63
C VAL A 87 -2.64 9.71 7.60
N ASP A 88 -2.49 8.99 8.72
CA ASP A 88 -1.44 9.29 9.70
C ASP A 88 -0.05 9.29 9.03
N PHE A 89 0.19 8.28 8.20
CA PHE A 89 1.45 8.22 7.45
C PHE A 89 1.67 9.47 6.61
N ALA A 90 0.70 9.79 5.75
CA ALA A 90 0.83 10.91 4.82
C ALA A 90 1.10 12.22 5.57
N LYS A 91 0.40 12.40 6.69
CA LYS A 91 0.49 13.64 7.46
C LYS A 91 1.90 13.87 7.99
N LYS A 92 2.65 12.80 8.11
CA LYS A 92 4.03 12.87 8.60
C LYS A 92 5.10 13.19 7.54
N LEU A 93 4.72 13.30 6.27
CA LEU A 93 5.64 13.71 5.23
C LEU A 93 5.48 15.22 5.01
N PRO A 94 6.54 15.99 5.30
CA PRO A 94 6.44 17.44 5.10
C PRO A 94 5.94 17.86 3.71
N MET A 95 6.39 17.21 2.64
CA MET A 95 5.91 17.58 1.30
C MET A 95 4.42 17.35 1.08
N PHE A 96 3.84 16.44 1.86
CA PHE A 96 2.40 16.26 1.82
C PHE A 96 1.71 17.28 2.72
N SER A 97 2.19 17.46 3.94
CA SER A 97 1.41 18.27 4.87
C SER A 97 1.48 19.76 4.55
N GLU A 98 2.42 20.17 3.70
CA GLU A 98 2.47 21.58 3.30
C GLU A 98 1.53 21.89 2.11
N LEU A 99 0.88 20.86 1.56
CA LEU A 99 -0.09 21.09 0.48
C LEU A 99 -1.39 21.71 1.00
N PRO A 100 -2.14 22.38 0.12
CA PRO A 100 -3.49 22.83 0.47
C PRO A 100 -4.29 21.64 1.01
N GLU A 102 -7.24 20.73 0.48
CA GLU A 102 -8.03 20.08 -0.56
C GLU A 102 -7.18 19.13 -1.39
N ASP A 103 -5.91 19.49 -1.61
CA ASP A 103 -4.98 18.61 -2.35
C ASP A 103 -4.67 17.36 -1.53
N GLN A 104 -4.47 17.55 -0.23
CA GLN A 104 -4.20 16.42 0.67
C GLN A 104 -5.32 15.40 0.57
N ILE A 105 -6.56 15.86 0.60
CA ILE A 105 -7.72 14.97 0.53
C ILE A 105 -7.73 14.19 -0.81
N ILE A 106 -7.54 14.89 -1.91
CA ILE A 106 -7.51 14.25 -3.24
C ILE A 106 -6.41 13.17 -3.33
N LEU A 107 -5.21 13.50 -2.86
CA LEU A 107 -4.11 12.53 -2.87
C LEU A 107 -4.40 11.30 -2.02
N LEU A 108 -5.00 11.49 -0.85
CA LEU A 108 -5.34 10.36 0.01
C LEU A 108 -6.38 9.45 -0.63
N LYS A 109 -7.41 10.04 -1.19
CA LYS A 109 -8.43 9.28 -1.91
C LYS A 109 -7.80 8.50 -3.07
N GLY A 110 -6.84 9.13 -3.73
CA GLY A 110 -6.21 8.56 -4.90
C GLY A 110 -5.36 7.32 -4.63
N CYS A 111 -4.72 7.26 -3.46
CA CYS A 111 -3.75 6.20 -3.19
C CYS A 111 -4.10 5.26 -2.04
N CYS A 112 -5.23 5.50 -1.37
CA CYS A 112 -5.50 4.78 -0.12
C CYS A 112 -5.51 3.27 -0.33
N MET A 113 -6.27 2.80 -1.31
CA MET A 113 -6.31 1.36 -1.58
C MET A 113 -4.93 0.80 -1.98
N GLU A 114 -4.19 1.58 -2.77
CA GLU A 114 -2.84 1.19 -3.20
C GLU A 114 -1.96 0.93 -1.99
N ILE A 115 -1.97 1.85 -1.03
CA ILE A 115 -1.13 1.70 0.15
C ILE A 115 -1.62 0.59 1.07
N MET A 116 -2.92 0.49 1.27
CA MET A 116 -3.45 -0.61 2.08
C MET A 116 -3.10 -1.96 1.46
N SER A 117 -3.17 -2.03 0.13
CA SER A 117 -2.89 -3.28 -0.55
C SER A 117 -1.43 -3.65 -0.43
N LEU A 118 -0.56 -2.66 -0.56
CA LEU A 118 0.86 -2.88 -0.36
C LEU A 118 1.14 -3.38 1.07
N ARG A 119 0.52 -2.72 2.05
CA ARG A 119 0.74 -3.07 3.46
C ARG A 119 0.29 -4.51 3.76
N ALA A 120 -0.82 -4.93 3.14
CA ALA A 120 -1.27 -6.32 3.26
C ALA A 120 -0.33 -7.28 2.55
N ALA A 121 0.07 -6.91 1.33
CA ALA A 121 0.94 -7.76 0.50
C ALA A 121 2.29 -8.04 1.15
N VAL A 122 2.88 -7.03 1.80
CA VAL A 122 4.19 -7.25 2.41
C VAL A 122 4.06 -8.16 3.62
N ARG A 123 2.83 -8.41 4.04
CA ARG A 123 2.58 -9.34 5.15
C ARG A 123 2.08 -10.69 4.66
N TYR A 124 2.27 -10.96 3.38
CA TYR A 124 1.93 -12.27 2.84
C TYR A 124 2.80 -13.32 3.53
N ASP A 125 2.18 -14.42 3.96
CA ASP A 125 2.87 -15.51 4.65
C ASP A 125 2.76 -16.78 3.81
N PRO A 126 3.89 -17.21 3.22
CA PRO A 126 3.92 -18.33 2.27
C PRO A 126 3.46 -19.64 2.93
N GLU A 127 3.74 -19.77 4.22
CA GLU A 127 3.46 -21.03 4.92
C GLU A 127 1.95 -21.23 5.08
N SER A 128 1.26 -20.20 5.57
CA SER A 128 -0.17 -20.26 5.74
C SER A 128 -0.93 -19.81 4.49
N ASP A 129 -0.20 -19.23 3.54
CA ASP A 129 -0.80 -18.69 2.33
C ASP A 129 -1.89 -17.70 2.72
N THR A 130 -1.56 -16.79 3.62
CA THR A 130 -2.49 -15.73 4.01
C THR A 130 -1.89 -14.33 3.80
N LEU A 131 -2.79 -13.35 3.66
CA LEU A 131 -2.44 -11.94 3.81
C LEU A 131 -2.86 -11.53 5.22
N THR A 132 -2.25 -10.48 5.76
CA THR A 132 -2.71 -9.92 7.02
C THR A 132 -3.29 -8.52 6.81
N LEU A 133 -4.50 -8.31 7.33
CA LEU A 133 -5.23 -7.05 7.18
C LEU A 133 -5.27 -6.22 8.46
N SER A 134 -5.19 -4.90 8.31
CA SER A 134 -5.15 -3.97 9.43
C SER A 134 -4.20 -4.44 10.53
N GLY A 135 -3.15 -5.16 10.13
CA GLY A 135 -2.15 -5.62 11.07
C GLY A 135 -2.61 -6.62 12.12
N GLU A 136 -3.76 -7.25 11.91
CA GLU A 136 -4.28 -8.17 12.91
C GLU A 136 -5.04 -9.39 12.37
N MET A 137 -5.64 -9.27 11.20
CA MET A 137 -6.45 -10.36 10.68
C MET A 137 -5.80 -11.11 9.52
N ALA A 138 -5.46 -12.38 9.72
CA ALA A 138 -4.94 -13.20 8.63
C ALA A 138 -6.07 -13.84 7.84
N VAL A 139 -6.06 -13.68 6.53
CA VAL A 139 -7.13 -14.17 5.67
C VAL A 139 -6.62 -15.00 4.52
N LYS A 140 -7.44 -15.98 4.12
CA LYS A 140 -7.13 -16.81 2.96
C LYS A 140 -7.69 -16.16 1.72
N ARG A 141 -7.18 -16.56 0.56
CA ARG A 141 -7.65 -16.05 -0.73
C ARG A 141 -9.16 -16.09 -0.88
N GLU A 142 -9.75 -17.24 -0.59
CA GLU A 142 -11.19 -17.40 -0.75
C GLU A 142 -11.98 -16.46 0.14
N GLN A 143 -11.52 -16.26 1.38
CA GLN A 143 -12.22 -15.39 2.31
C GLN A 143 -12.22 -13.93 1.83
N LEU A 144 -11.05 -13.45 1.43
CA LEU A 144 -10.94 -12.07 0.96
C LEU A 144 -11.65 -11.88 -0.38
N LYS A 145 -11.59 -12.89 -1.25
CA LYS A 145 -12.35 -12.86 -2.50
C LYS A 145 -13.86 -12.78 -2.25
N ASN A 146 -14.38 -13.70 -1.46
CA ASN A 146 -15.82 -13.78 -1.22
C ASN A 146 -16.35 -12.67 -0.33
N GLY A 147 -15.49 -12.15 0.54
CA GLY A 147 -15.89 -11.11 1.47
C GLY A 147 -16.00 -9.73 0.83
N GLY A 148 -15.87 -9.66 -0.49
CA GLY A 148 -16.15 -8.42 -1.19
C GLY A 148 -15.15 -7.98 -2.26
N LEU A 149 -13.92 -8.43 -2.16
CA LEU A 149 -12.89 -7.94 -3.08
C LEU A 149 -12.90 -8.64 -4.43
N GLY A 150 -13.51 -9.82 -4.53
CA GLY A 150 -13.52 -10.54 -5.78
C GLY A 150 -12.11 -10.74 -6.36
N VAL A 151 -11.97 -10.49 -7.66
CA VAL A 151 -10.67 -10.65 -8.32
C VAL A 151 -9.57 -9.73 -7.76
N VAL A 152 -9.96 -8.66 -7.05
CA VAL A 152 -8.95 -7.80 -6.43
C VAL A 152 -8.17 -8.63 -5.39
N SER A 153 -8.85 -9.57 -4.73
CA SER A 153 -8.16 -10.43 -3.79
C SER A 153 -7.03 -11.22 -4.45
N ASP A 154 -7.33 -11.85 -5.59
CA ASP A 154 -6.32 -12.61 -6.32
C ASP A 154 -5.09 -11.74 -6.67
N ALA A 155 -5.37 -10.50 -7.05
CA ALA A 155 -4.30 -9.58 -7.44
C ALA A 155 -3.39 -9.21 -6.27
N ILE A 156 -3.98 -8.98 -5.09
CA ILE A 156 -3.17 -8.65 -3.92
C ILE A 156 -2.35 -9.86 -3.47
N PHE A 157 -2.94 -11.05 -3.52
CA PHE A 157 -2.21 -12.26 -3.16
C PHE A 157 -1.05 -12.51 -4.11
N GLU A 158 -1.29 -12.32 -5.40
CA GLU A 158 -0.22 -12.53 -6.37
C GLU A 158 0.90 -11.51 -6.14
N LEU A 159 0.55 -10.27 -5.81
CA LEU A 159 1.56 -9.28 -5.48
C LEU A 159 2.34 -9.71 -4.24
N GLY A 160 1.63 -10.13 -3.20
CA GLY A 160 2.28 -10.54 -1.96
C GLY A 160 3.23 -11.72 -2.18
N LYS A 161 2.79 -12.72 -2.92
CA LYS A 161 3.65 -13.86 -3.27
C LYS A 161 4.91 -13.43 -4.01
N SER A 162 4.76 -12.53 -4.98
CA SER A 162 5.90 -12.11 -5.77
C SER A 162 6.88 -11.24 -4.95
N LEU A 163 6.34 -10.46 -4.02
CA LEU A 163 7.18 -9.57 -3.20
C LEU A 163 8.06 -10.30 -2.18
N SER A 164 7.69 -11.53 -1.81
CA SER A 164 8.50 -12.30 -0.85
C SER A 164 9.98 -12.29 -1.21
N ALA A 165 10.28 -12.56 -2.48
CA ALA A 165 11.65 -12.66 -2.95
C ALA A 165 12.38 -11.31 -3.02
N PHE A 166 11.64 -10.21 -2.95
CA PHE A 166 12.28 -8.88 -2.97
C PHE A 166 12.89 -8.53 -1.62
N ASN A 167 12.41 -9.16 -0.56
CA ASN A 167 12.89 -8.87 0.78
C ASN A 167 12.91 -7.36 1.08
N LEU A 168 11.79 -6.70 0.87
CA LEU A 168 11.73 -5.25 1.10
C LEU A 168 11.95 -4.93 2.57
N ASP A 169 12.65 -3.82 2.83
CA ASP A 169 12.75 -3.35 4.20
C ASP A 169 11.75 -2.23 4.45
N ASP A 170 11.72 -1.70 5.67
CA ASP A 170 10.73 -0.68 6.01
C ASP A 170 10.91 0.56 5.16
N THR A 171 12.15 0.91 4.85
CA THR A 171 12.42 2.06 4.00
C THR A 171 11.83 1.90 2.60
N GLU A 172 12.05 0.73 2.00
CA GLU A 172 11.56 0.48 0.65
C GLU A 172 10.03 0.53 0.61
N VAL A 173 9.38 -0.03 1.62
CA VAL A 173 7.93 0.06 1.71
C VAL A 173 7.47 1.53 1.85
N ALA A 174 8.14 2.26 2.73
CA ALA A 174 7.80 3.66 2.98
C ALA A 174 7.96 4.50 1.71
N LEU A 175 9.03 4.26 0.97
CA LEU A 175 9.27 5.03 -0.25
C LEU A 175 8.28 4.66 -1.35
N LEU A 176 7.92 3.39 -1.44
CA LEU A 176 6.83 2.96 -2.34
C LEU A 176 5.57 3.75 -2.00
N GLN A 177 5.24 3.83 -0.71
CA GLN A 177 4.04 4.55 -0.29
C GLN A 177 4.11 6.04 -0.66
N ALA A 178 5.26 6.65 -0.46
CA ALA A 178 5.45 8.07 -0.79
C ALA A 178 5.25 8.30 -2.30
N VAL A 179 5.80 7.41 -3.11
CA VAL A 179 5.62 7.50 -4.57
C VAL A 179 4.15 7.33 -4.99
N LEU A 180 3.45 6.38 -4.36
CA LEU A 180 2.02 6.21 -4.62
C LEU A 180 1.23 7.46 -4.22
N LEU A 181 1.57 8.00 -3.04
CA LEU A 181 0.85 9.15 -2.50
C LEU A 181 0.99 10.41 -3.35
N MET A 182 2.22 10.72 -3.75
CA MET A 182 2.50 12.00 -4.39
C MET A 182 2.34 11.88 -5.91
N SER A 183 1.12 11.61 -6.35
CA SER A 183 0.84 11.38 -7.76
C SER A 183 -0.06 12.49 -8.28
N THR A 184 0.19 12.95 -9.50
CA THR A 184 -0.68 13.96 -10.08
C THR A 184 -1.72 13.36 -11.02
N ASP A 185 -1.80 12.04 -11.03
CA ASP A 185 -2.83 11.38 -11.83
C ASP A 185 -4.18 11.43 -11.12
N ARG A 186 -4.60 12.61 -10.70
CA ARG A 186 -5.89 12.80 -10.05
C ARG A 186 -6.44 14.11 -10.55
N SER A 187 -7.76 14.27 -10.55
CA SER A 187 -8.31 15.55 -10.98
C SER A 187 -8.52 16.49 -9.80
N GLY A 188 -8.52 17.79 -10.10
CA GLY A 188 -8.89 18.79 -9.12
C GLY A 188 -7.76 19.30 -8.24
N LEU A 189 -6.54 18.85 -8.52
CA LEU A 189 -5.38 19.32 -7.76
C LEU A 189 -5.03 20.76 -8.11
N LEU A 190 -4.65 21.50 -7.09
CA LEU A 190 -4.15 22.85 -7.27
C LEU A 190 -2.66 22.81 -7.58
N VAL A 192 -0.17 21.06 -8.74
CA VAL A 192 0.32 19.98 -9.57
C VAL A 192 1.84 19.96 -9.68
N ASP A 193 2.45 21.11 -9.94
CA ASP A 193 3.90 21.13 -10.13
C ASP A 193 4.66 20.75 -8.86
N LYS A 194 4.19 21.25 -7.74
CA LYS A 194 4.83 20.95 -6.47
C LYS A 194 4.75 19.45 -6.16
N ILE A 195 3.59 18.86 -6.45
CA ILE A 195 3.38 17.45 -6.16
C ILE A 195 4.29 16.63 -7.06
N GLU A 196 4.37 17.01 -8.33
CA GLU A 196 5.27 16.32 -9.25
C GLU A 196 6.73 16.41 -8.83
N LYS A 197 7.16 17.60 -8.39
CA LYS A 197 8.52 17.77 -7.92
C LYS A 197 8.79 16.88 -6.70
N SER A 198 7.82 16.77 -5.81
CA SER A 198 7.97 15.88 -4.66
C SER A 198 8.07 14.43 -5.09
N GLN A 199 7.20 14.00 -6.00
CA GLN A 199 7.30 12.63 -6.46
C GLN A 199 8.66 12.36 -7.11
N GLU A 200 9.17 13.33 -7.89
CA GLU A 200 10.47 13.16 -8.53
C GLU A 200 11.58 13.02 -7.48
N ALA A 201 11.49 13.82 -6.43
CA ALA A 201 12.46 13.76 -5.35
C ALA A 201 12.43 12.40 -4.64
N TYR A 202 11.23 11.94 -4.30
CA TYR A 202 11.11 10.60 -3.71
C TYR A 202 11.62 9.50 -4.64
N LEU A 203 11.32 9.59 -5.93
CA LEU A 203 11.71 8.54 -6.85
C LEU A 203 13.22 8.43 -6.97
N LEU A 204 13.88 9.57 -7.06
CA LEU A 204 15.33 9.58 -7.16
C LEU A 204 15.98 9.10 -5.85
N ALA A 205 15.42 9.52 -4.72
CA ALA A 205 15.93 9.06 -3.43
C ALA A 205 15.78 7.54 -3.33
N PHE A 206 14.65 7.03 -3.82
CA PHE A 206 14.31 5.63 -3.74
C PHE A 206 15.28 4.84 -4.63
N GLU A 207 15.52 5.33 -5.85
CA GLU A 207 16.46 4.65 -6.75
C GLU A 207 17.83 4.55 -6.09
N HIS A 208 18.26 5.65 -5.47
CA HIS A 208 19.56 5.69 -4.81
C HIS A 208 19.59 4.79 -3.58
N TYR A 209 18.48 4.69 -2.86
CA TYR A 209 18.43 3.80 -1.71
C TYR A 209 18.54 2.33 -2.15
N VAL A 210 17.87 2.02 -3.26
CA VAL A 210 17.97 0.67 -3.82
C VAL A 210 19.42 0.33 -4.20
N ASN A 211 20.14 1.30 -4.78
CA ASN A 211 21.55 1.13 -5.08
C ASN A 211 22.33 0.80 -3.80
N HIS A 212 22.04 1.57 -2.76
CA HIS A 212 22.70 1.41 -1.47
C HIS A 212 22.52 0.00 -0.90
N ARG A 213 21.34 -0.58 -1.07
CA ARG A 213 21.00 -1.84 -0.44
C ARG A 213 21.67 -3.05 -1.08
N LYS A 214 22.05 -2.92 -2.33
CA LYS A 214 22.76 -4.01 -3.01
C LYS A 214 22.00 -5.34 -2.88
N HIS A 215 20.76 -5.38 -3.37
CA HIS A 215 19.96 -6.59 -3.35
C HIS A 215 20.60 -7.65 -4.24
N ASN A 216 20.43 -8.92 -3.88
CA ASN A 216 21.01 -9.97 -4.71
C ASN A 216 20.05 -10.60 -5.71
N ILE A 217 18.97 -9.90 -6.01
CA ILE A 217 18.19 -10.26 -7.19
C ILE A 217 18.42 -9.17 -8.24
N PRO A 218 18.60 -9.59 -9.49
CA PRO A 218 18.99 -8.64 -10.55
C PRO A 218 17.84 -7.74 -11.00
N HIS A 219 18.20 -6.62 -11.62
CA HIS A 219 17.24 -5.68 -12.18
C HIS A 219 16.22 -5.19 -11.14
N PHE A 220 16.68 -4.98 -9.91
CA PHE A 220 15.76 -4.71 -8.81
C PHE A 220 14.88 -3.47 -8.98
N TRP A 221 15.49 -2.37 -9.44
CA TRP A 221 14.79 -1.10 -9.57
C TRP A 221 13.64 -1.15 -10.58
N PRO A 222 13.90 -1.57 -11.82
CA PRO A 222 12.75 -1.68 -12.75
C PRO A 222 11.73 -2.73 -12.28
N LYS A 223 12.18 -3.80 -11.65
CA LYS A 223 11.24 -4.79 -11.10
C LYS A 223 10.30 -4.15 -10.06
N LEU A 224 10.86 -3.30 -9.21
CA LEU A 224 10.07 -2.62 -8.20
C LEU A 224 9.12 -1.62 -8.85
N LEU A 225 9.58 -0.94 -9.89
CA LEU A 225 8.70 -0.02 -10.62
C LEU A 225 7.50 -0.72 -11.23
N MET A 226 7.71 -1.94 -11.71
CA MET A 226 6.63 -2.73 -12.28
C MET A 226 5.60 -3.07 -11.20
N LYS A 227 6.07 -3.26 -9.96
CA LYS A 227 5.15 -3.52 -8.86
C LYS A 227 4.32 -2.27 -8.51
N VAL A 228 4.89 -1.09 -8.69
CA VAL A 228 4.13 0.14 -8.52
C VAL A 228 2.97 0.15 -9.50
N THR A 229 3.25 -0.26 -10.72
CA THR A 229 2.22 -0.32 -11.75
C THR A 229 1.14 -1.34 -11.39
N ASP A 230 1.54 -2.49 -10.87
CA ASP A 230 0.59 -3.49 -10.39
C ASP A 230 -0.32 -2.92 -9.29
N LEU A 231 0.26 -2.16 -8.37
CA LEU A 231 -0.52 -1.57 -7.29
C LEU A 231 -1.52 -0.56 -7.81
N ARG A 232 -1.10 0.25 -8.78
CA ARG A 232 -2.04 1.18 -9.38
C ARG A 232 -3.19 0.45 -10.09
N MET A 233 -2.90 -0.68 -10.71
CA MET A 233 -3.94 -1.49 -11.32
C MET A 233 -4.89 -2.07 -10.26
N ILE A 234 -4.35 -2.54 -9.14
CA ILE A 234 -5.20 -2.98 -8.03
C ILE A 234 -6.12 -1.86 -7.58
N GLY A 235 -5.57 -0.65 -7.42
CA GLY A 235 -6.37 0.49 -7.01
C GLY A 235 -7.53 0.77 -7.96
N ALA A 236 -7.25 0.67 -9.26
CA ALA A 236 -8.27 0.95 -10.26
C ALA A 236 -9.36 -0.13 -10.26
N HIS A 238 -10.22 -1.92 -7.75
CA HIS A 238 -10.97 -1.73 -6.52
C HIS A 238 -11.95 -0.59 -6.67
N ALA A 239 -11.51 0.51 -7.29
CA ALA A 239 -12.41 1.64 -7.48
C ALA A 239 -13.65 1.23 -8.26
N SER A 240 -13.46 0.50 -9.37
CA SER A 240 -14.59 0.01 -10.17
C SER A 240 -15.53 -0.88 -9.36
N ARG A 241 -14.95 -1.82 -8.62
CA ARG A 241 -15.75 -2.75 -7.80
C ARG A 241 -16.51 -2.06 -6.66
N PHE A 242 -15.86 -1.10 -6.01
CA PHE A 242 -16.48 -0.33 -4.94
C PHE A 242 -17.75 0.37 -5.43
N LEU A 243 -17.71 0.94 -6.63
CA LEU A 243 -18.91 1.53 -7.21
C LEU A 243 -20.04 0.50 -7.25
N HIS A 244 -19.71 -0.69 -7.73
CA HIS A 244 -20.68 -1.76 -7.81
C HIS A 244 -21.14 -2.22 -6.43
CA MET A 245 -20.70 -2.56 -3.88
C MET A 245 -21.80 -1.57 -3.50
N LYS A 246 -21.61 -0.30 -3.84
CA LYS A 246 -22.56 0.74 -3.41
C LYS A 246 -23.90 0.69 -4.12
N VAL A 247 -23.89 0.30 -5.39
CA VAL A 247 -25.13 0.05 -6.11
C VAL A 247 -25.93 -1.10 -5.47
N GLU A 248 -25.22 -2.17 -5.11
CA GLU A 248 -25.89 -3.37 -4.61
C GLU A 248 -26.33 -3.31 -3.16
N PRO A 250 -26.86 -1.55 0.95
CA PRO A 250 -27.31 -0.37 1.68
C PRO A 250 -26.15 0.34 2.39
N THR A 251 -26.28 1.66 2.52
CA THR A 251 -25.24 2.48 3.09
C THR A 251 -24.86 2.07 4.52
N GLU A 252 -25.80 1.51 5.27
CA GLU A 252 -25.48 1.18 6.66
C GLU A 252 -24.37 0.12 6.79
N LEU A 253 -24.09 -0.59 5.71
CA LEU A 253 -23.01 -1.59 5.73
C LEU A 253 -21.61 -1.01 5.50
N PHE A 254 -21.54 0.28 5.22
CA PHE A 254 -20.27 0.94 4.89
C PHE A 254 -19.92 1.97 5.98
N PRO A 255 -18.84 1.76 6.74
CA PRO A 255 -18.42 2.78 7.71
C PRO A 255 -18.20 4.12 7.02
N PRO A 256 -18.50 5.23 7.70
CA PRO A 256 -18.40 6.56 7.07
C PRO A 256 -17.01 6.88 6.45
N LEU A 257 -15.92 6.50 7.11
CA LEU A 257 -14.60 6.82 6.59
C LEU A 257 -14.31 6.02 5.32
N PHE A 258 -14.80 4.79 5.31
CA PHE A 258 -14.73 3.89 4.15
C PHE A 258 -15.44 4.53 2.96
N LEU A 259 -16.67 4.98 3.16
CA LEU A 259 -17.40 5.71 2.12
C LEU A 259 -16.67 6.96 1.64
N GLU A 260 -16.17 7.75 2.59
CA GLU A 260 -15.56 9.03 2.21
C GLU A 260 -14.30 8.84 1.36
N VAL A 261 -13.44 7.93 1.80
CA VAL A 261 -12.15 7.79 1.13
C VAL A 261 -12.29 7.20 -0.27
N PHE A 262 -13.31 6.38 -0.51
CA PHE A 262 -13.45 5.75 -1.81
C PHE A 262 -14.49 6.40 -2.72
N GLU A 263 -14.81 7.65 -2.40
CA GLU A 263 -15.71 8.44 -3.23
C GLU A 263 -15.22 8.62 -4.66
N ASP A 264 -16.18 8.73 -5.56
CA ASP A 264 -16.06 9.47 -6.81
C ASP A 264 -15.18 8.91 -7.91
N GLN A 265 -15.74 7.92 -8.59
CA GLN A 265 -15.38 7.56 -9.96
C GLN A 265 -16.76 7.38 -10.62
N GLU A 266 -17.79 7.68 -9.83
CA GLU A 266 -19.20 7.68 -10.24
C GLU A 266 -20.07 8.06 -9.04
N VAL A 267 -19.71 7.60 -7.84
CA VAL A 267 -20.44 7.96 -6.62
C VAL A 267 -19.58 8.38 -5.40
#